data_7O5A
#
_entry.id   7O5A
#
_cell.length_a   82.819
_cell.length_b   112.531
_cell.length_c   62.653
_cell.angle_alpha   90.000
_cell.angle_beta   90.000
_cell.angle_gamma   90.000
#
_symmetry.space_group_name_H-M   'C 2 2 21'
#
loop_
_entity.id
_entity.type
_entity.pdbx_description
1 polymer '14-3-3 protein sigma'
2 polymer 'Transcription factor p65'
3 non-polymer 'CHLORIDE ION'
4 non-polymer 4-(3-methoxyazetidin-1-yl)carbonylbenzaldehyde
5 water water
#
loop_
_entity_poly.entity_id
_entity_poly.type
_entity_poly.pdbx_seq_one_letter_code
_entity_poly.pdbx_strand_id
1 'polypeptide(L)'
;GAMGSMERASLIQKAKLAEQAERYEDMAAFMKGAVEKGEELS(CSO)EERNLLSVAYKNVVGGQRAAWRVLSSIEQKSNE
EGSEEKGPEVREYREKVETELQGVCDTVLGLLDSHLIKEAGDAESRVFYLKMKGDYYRYLAEVATGDDKKRIIDSARSAY
QEAMDISKKEMPPTNPIRLGLALNFSVFHYEIANSPEEAISLAKTTFDEAMADLHTLSEDSYKDSTLIMQLLRDNLTLWT
;
A
2 'polypeptide(L)' EGRSAG(SEP)IPGRRS P
#
# COMPACT_ATOMS: atom_id res chain seq x y z
N MET A 3 -8.12 22.05 -0.15
CA MET A 3 -8.02 22.31 1.29
C MET A 3 -7.06 23.44 1.54
N GLY A 4 -6.87 24.25 0.50
CA GLY A 4 -5.86 25.29 0.55
C GLY A 4 -6.05 26.34 1.64
N SER A 5 -7.29 26.61 2.03
N SER A 5 -7.30 26.59 2.04
CA SER A 5 -7.51 27.62 3.07
CA SER A 5 -7.56 27.59 3.07
C SER A 5 -7.48 27.06 4.50
C SER A 5 -7.44 27.06 4.49
N MET A 6 -7.28 25.76 4.69
CA MET A 6 -7.24 25.22 6.05
C MET A 6 -5.81 25.03 6.53
N GLU A 7 -5.56 25.34 7.81
CA GLU A 7 -4.22 25.15 8.39
C GLU A 7 -3.74 23.70 8.29
N ARG A 8 -2.44 23.51 8.06
CA ARG A 8 -1.89 22.17 8.06
C ARG A 8 -2.25 21.41 9.33
N ALA A 9 -2.09 22.05 10.50
CA ALA A 9 -2.34 21.30 11.74
C ALA A 9 -3.81 20.91 11.86
N SER A 10 -4.72 21.78 11.40
CA SER A 10 -6.15 21.45 11.42
C SER A 10 -6.49 20.30 10.48
N LEU A 11 -5.86 20.26 9.31
CA LEU A 11 -6.03 19.12 8.41
C LEU A 11 -5.59 17.83 9.10
N ILE A 12 -4.44 17.85 9.76
CA ILE A 12 -3.99 16.66 10.47
C ILE A 12 -4.96 16.26 11.58
N GLN A 13 -5.39 17.24 12.37
N GLN A 13 -5.42 17.22 12.38
CA GLN A 13 -6.36 16.98 13.43
CA GLN A 13 -6.34 16.85 13.45
C GLN A 13 -7.63 16.36 12.88
C GLN A 13 -7.65 16.32 12.89
N LYS A 14 -8.16 16.92 11.79
CA LYS A 14 -9.38 16.40 11.20
C LYS A 14 -9.16 15.04 10.55
N ALA A 15 -7.98 14.77 9.99
CA ALA A 15 -7.73 13.40 9.52
C ALA A 15 -7.85 12.40 10.65
N LYS A 16 -7.37 12.76 11.85
CA LYS A 16 -7.46 11.82 12.97
C LYS A 16 -8.90 11.64 13.40
N LEU A 17 -9.68 12.71 13.38
CA LEU A 17 -11.09 12.61 13.71
C LEU A 17 -11.82 11.75 12.70
N ALA A 18 -11.54 11.95 11.41
CA ALA A 18 -12.20 11.16 10.37
C ALA A 18 -11.88 9.69 10.52
N GLU A 19 -10.63 9.37 10.87
CA GLU A 19 -10.31 7.97 11.14
C GLU A 19 -11.19 7.41 12.25
N GLN A 20 -11.35 8.16 13.35
CA GLN A 20 -12.18 7.67 14.46
C GLN A 20 -13.62 7.49 14.04
N ALA A 21 -14.11 8.33 13.12
CA ALA A 21 -15.46 8.28 12.61
C ALA A 21 -15.59 7.32 11.45
N GLU A 22 -14.52 6.64 11.07
N GLU A 22 -14.52 6.63 11.08
CA GLU A 22 -14.48 5.73 9.93
CA GLU A 22 -14.51 5.72 9.93
C GLU A 22 -14.96 6.43 8.66
C GLU A 22 -14.98 6.43 8.65
N ARG A 23 -14.58 7.70 8.51
CA ARG A 23 -14.88 8.48 7.32
C ARG A 23 -13.61 8.58 6.49
N TYR A 24 -13.31 7.50 5.76
CA TYR A 24 -11.99 7.39 5.15
C TYR A 24 -11.82 8.28 3.92
N GLU A 25 -12.90 8.55 3.19
N GLU A 25 -12.90 8.57 3.20
CA GLU A 25 -12.80 9.49 2.07
CA GLU A 25 -12.79 9.49 2.07
C GLU A 25 -12.44 10.89 2.56
C GLU A 25 -12.43 10.89 2.56
N ASP A 26 -13.07 11.34 3.64
CA ASP A 26 -12.69 12.62 4.24
C ASP A 26 -11.23 12.59 4.71
N MET A 27 -10.86 11.52 5.40
CA MET A 27 -9.50 11.38 5.90
C MET A 27 -8.48 11.49 4.78
N ALA A 28 -8.80 10.92 3.62
CA ALA A 28 -7.87 10.99 2.51
C ALA A 28 -7.79 12.40 1.95
N ALA A 29 -8.94 13.07 1.85
CA ALA A 29 -8.94 14.45 1.37
C ALA A 29 -8.19 15.37 2.33
N PHE A 30 -8.34 15.16 3.64
CA PHE A 30 -7.60 15.96 4.60
C PHE A 30 -6.10 15.72 4.48
N MET A 31 -5.69 14.45 4.38
CA MET A 31 -4.24 14.17 4.24
C MET A 31 -3.70 14.63 2.89
N LYS A 32 -4.48 14.54 1.82
CA LYS A 32 -4.06 15.13 0.55
C LYS A 32 -3.80 16.61 0.71
N GLY A 33 -4.73 17.31 1.38
CA GLY A 33 -4.51 18.73 1.66
C GLY A 33 -3.25 18.97 2.49
N ALA A 34 -2.99 18.11 3.48
CA ALA A 34 -1.78 18.28 4.29
C ALA A 34 -0.51 18.11 3.45
N VAL A 35 -0.47 17.08 2.59
CA VAL A 35 0.68 16.90 1.72
C VAL A 35 0.90 18.14 0.86
N GLU A 36 -0.18 18.66 0.28
CA GLU A 36 -0.06 19.78 -0.64
C GLU A 36 0.37 21.06 0.05
N LYS A 37 0.47 21.08 1.38
CA LYS A 37 1.10 22.23 2.03
C LYS A 37 2.58 22.31 1.73
N GLY A 38 3.19 21.22 1.25
CA GLY A 38 4.55 21.26 0.79
C GLY A 38 5.61 20.86 1.78
N GLU A 39 5.26 20.68 3.05
CA GLU A 39 6.21 20.24 4.07
C GLU A 39 6.31 18.71 4.07
N GLU A 40 7.47 18.20 4.49
CA GLU A 40 7.65 16.77 4.69
C GLU A 40 6.66 16.30 5.76
N LEU A 41 6.41 14.99 5.79
CA LEU A 41 5.48 14.40 6.74
C LEU A 41 6.28 13.66 7.81
N SER A 42 5.80 13.74 9.05
CA SER A 42 6.36 12.95 10.15
C SER A 42 5.97 11.47 10.02
N GLU A 44 4.12 9.64 12.06
CA GLU A 44 2.68 9.54 12.31
C GLU A 44 1.84 10.06 11.14
N GLU A 45 2.27 11.16 10.54
CA GLU A 45 1.53 11.72 9.41
C GLU A 45 1.59 10.79 8.19
N ARG A 46 2.75 10.18 7.93
CA ARG A 46 2.83 9.22 6.84
C ARG A 46 1.84 8.09 7.07
N ASN A 47 1.74 7.60 8.30
CA ASN A 47 0.78 6.54 8.58
C ASN A 47 -0.65 7.02 8.32
N LEU A 48 -0.97 8.25 8.70
CA LEU A 48 -2.34 8.73 8.45
C LEU A 48 -2.64 8.75 6.95
N LEU A 49 -1.70 9.25 6.16
CA LEU A 49 -1.86 9.29 4.70
C LEU A 49 -2.10 7.89 4.17
N SER A 50 -1.27 6.94 4.62
CA SER A 50 -1.33 5.56 4.13
C SER A 50 -2.63 4.87 4.55
N VAL A 51 -3.04 5.03 5.81
CA VAL A 51 -4.26 4.38 6.27
C VAL A 51 -5.47 4.90 5.49
N ALA A 52 -5.52 6.22 5.29
CA ALA A 52 -6.64 6.82 4.59
C ALA A 52 -6.81 6.23 3.21
N TYR A 53 -5.75 6.26 2.41
CA TYR A 53 -5.93 5.81 1.03
C TYR A 53 -6.04 4.30 0.95
N LYS A 54 -5.43 3.56 1.89
CA LYS A 54 -5.59 2.11 1.84
C LYS A 54 -7.04 1.73 2.04
N ASN A 55 -7.71 2.42 2.95
CA ASN A 55 -9.11 2.12 3.19
C ASN A 55 -9.96 2.50 1.99
N VAL A 56 -9.71 3.67 1.38
CA VAL A 56 -10.52 4.11 0.25
C VAL A 56 -10.37 3.14 -0.92
N VAL A 57 -9.12 2.89 -1.33
CA VAL A 57 -8.92 1.99 -2.45
C VAL A 57 -9.30 0.57 -2.06
N GLY A 58 -9.21 0.21 -0.76
CA GLY A 58 -9.60 -1.13 -0.36
C GLY A 58 -11.09 -1.39 -0.59
N GLY A 59 -11.92 -0.40 -0.31
CA GLY A 59 -13.34 -0.52 -0.64
C GLY A 59 -13.58 -0.59 -2.14
N GLN A 60 -12.82 0.18 -2.92
CA GLN A 60 -13.00 0.15 -4.37
C GLN A 60 -12.56 -1.19 -4.94
N ARG A 61 -11.44 -1.74 -4.46
CA ARG A 61 -11.00 -3.05 -4.96
C ARG A 61 -12.02 -4.13 -4.63
N ALA A 62 -12.58 -4.10 -3.42
CA ALA A 62 -13.57 -5.10 -3.06
C ALA A 62 -14.79 -4.98 -3.95
N ALA A 63 -15.26 -3.76 -4.22
CA ALA A 63 -16.40 -3.60 -5.13
C ALA A 63 -16.05 -4.05 -6.55
N TRP A 64 -14.86 -3.70 -7.04
CA TRP A 64 -14.47 -4.11 -8.37
C TRP A 64 -14.45 -5.63 -8.50
N ARG A 65 -13.98 -6.32 -7.46
CA ARG A 65 -13.95 -7.78 -7.54
C ARG A 65 -15.35 -8.37 -7.58
N VAL A 66 -16.28 -7.84 -6.78
CA VAL A 66 -17.67 -8.30 -6.85
C VAL A 66 -18.20 -8.14 -8.28
N LEU A 67 -18.04 -6.94 -8.85
CA LEU A 67 -18.60 -6.65 -10.17
C LEU A 67 -17.88 -7.44 -11.26
N SER A 68 -16.56 -7.61 -11.15
CA SER A 68 -15.83 -8.38 -12.16
C SER A 68 -16.30 -9.84 -12.15
N SER A 69 -16.59 -10.37 -10.97
CA SER A 69 -17.09 -11.73 -10.85
C SER A 69 -18.46 -11.87 -11.49
N ILE A 70 -19.38 -10.95 -11.17
CA ILE A 70 -20.69 -10.97 -11.82
C ILE A 70 -20.51 -10.88 -13.34
N GLU A 71 -19.64 -9.97 -13.79
CA GLU A 71 -19.46 -9.75 -15.22
C GLU A 71 -18.96 -11.02 -15.91
N GLN A 72 -18.07 -11.77 -15.25
CA GLN A 72 -17.56 -13.00 -15.84
C GLN A 72 -18.60 -14.11 -15.83
N LYS A 73 -19.47 -14.16 -14.83
CA LYS A 73 -20.55 -15.11 -14.87
C LYS A 73 -21.51 -14.82 -16.02
N SER A 74 -21.69 -13.54 -16.37
CA SER A 74 -22.60 -13.18 -17.45
C SER A 74 -22.03 -13.48 -18.83
N ASN A 75 -20.72 -13.64 -18.95
CA ASN A 75 -20.12 -13.99 -20.23
C ASN A 75 -19.78 -15.47 -20.31
N GLY A 83 -27.43 -7.31 -20.76
CA GLY A 83 -27.15 -5.98 -21.30
C GLY A 83 -25.78 -5.45 -20.95
N PRO A 84 -25.51 -4.18 -21.29
CA PRO A 84 -24.21 -3.60 -20.97
C PRO A 84 -24.06 -3.10 -19.54
N GLU A 85 -25.06 -3.27 -18.67
CA GLU A 85 -25.06 -2.57 -17.39
C GLU A 85 -23.91 -3.06 -16.49
N VAL A 86 -23.71 -4.38 -16.39
CA VAL A 86 -22.69 -4.87 -15.47
C VAL A 86 -21.31 -4.40 -15.91
N ARG A 87 -21.00 -4.51 -17.20
N ARG A 87 -21.02 -4.50 -17.20
CA ARG A 87 -19.73 -3.99 -17.69
CA ARG A 87 -19.76 -4.00 -17.73
C ARG A 87 -19.63 -2.49 -17.46
C ARG A 87 -19.63 -2.50 -17.51
N GLU A 88 -20.69 -1.75 -17.78
CA GLU A 88 -20.65 -0.30 -17.61
C GLU A 88 -20.34 0.08 -16.17
N TYR A 89 -20.98 -0.60 -15.22
CA TYR A 89 -20.82 -0.24 -13.81
C TYR A 89 -19.45 -0.69 -13.28
N ARG A 90 -18.99 -1.87 -13.70
CA ARG A 90 -17.62 -2.28 -13.39
C ARG A 90 -16.61 -1.26 -13.91
N GLU A 91 -16.78 -0.80 -15.16
CA GLU A 91 -15.95 0.27 -15.70
C GLU A 91 -15.99 1.54 -14.86
N LYS A 92 -17.18 1.94 -14.39
CA LYS A 92 -17.28 3.14 -13.58
C LYS A 92 -16.45 2.99 -12.31
N VAL A 93 -16.64 1.88 -11.59
CA VAL A 93 -15.87 1.63 -10.37
C VAL A 93 -14.39 1.57 -10.69
N GLU A 94 -14.02 0.88 -11.77
CA GLU A 94 -12.62 0.77 -12.16
C GLU A 94 -11.99 2.13 -12.42
N THR A 95 -12.69 3.00 -13.15
CA THR A 95 -12.17 4.34 -13.41
C THR A 95 -11.99 5.13 -12.12
N GLU A 96 -12.92 4.99 -11.17
N GLU A 96 -12.91 4.98 -11.17
CA GLU A 96 -12.78 5.71 -9.91
CA GLU A 96 -12.81 5.71 -9.92
C GLU A 96 -11.58 5.20 -9.13
C GLU A 96 -11.63 5.19 -9.09
N LEU A 97 -11.41 3.88 -9.10
CA LEU A 97 -10.24 3.29 -8.45
C LEU A 97 -8.94 3.78 -9.10
N GLN A 98 -8.89 3.76 -10.43
CA GLN A 98 -7.69 4.25 -11.10
C GLN A 98 -7.45 5.72 -10.76
N GLY A 99 -8.51 6.51 -10.58
CA GLY A 99 -8.29 7.91 -10.26
C GLY A 99 -7.68 8.08 -8.89
N VAL A 100 -8.14 7.31 -7.91
CA VAL A 100 -7.56 7.35 -6.57
C VAL A 100 -6.10 6.89 -6.60
N CYS A 101 -5.80 5.80 -7.33
CA CYS A 101 -4.40 5.37 -7.39
C CYS A 101 -3.55 6.45 -8.01
N ASP A 102 -4.04 7.08 -9.09
CA ASP A 102 -3.27 8.13 -9.75
C ASP A 102 -3.05 9.32 -8.82
N THR A 103 -4.04 9.63 -8.00
CA THR A 103 -3.90 10.74 -7.05
C THR A 103 -2.79 10.47 -6.05
N VAL A 104 -2.77 9.26 -5.48
CA VAL A 104 -1.73 8.89 -4.52
C VAL A 104 -0.37 8.90 -5.20
N LEU A 105 -0.29 8.31 -6.40
CA LEU A 105 0.98 8.30 -7.11
C LEU A 105 1.44 9.71 -7.42
N GLY A 106 0.50 10.60 -7.72
CA GLY A 106 0.84 11.99 -7.93
C GLY A 106 1.40 12.67 -6.69
N LEU A 107 0.85 12.34 -5.52
CA LEU A 107 1.38 12.90 -4.28
C LEU A 107 2.81 12.42 -4.04
N LEU A 108 3.06 11.12 -4.30
CA LEU A 108 4.40 10.60 -4.07
C LEU A 108 5.40 11.26 -5.01
N ASP A 109 4.97 11.52 -6.24
CA ASP A 109 5.83 12.11 -7.26
C ASP A 109 5.97 13.62 -7.11
N SER A 110 5.02 14.28 -6.43
CA SER A 110 5.01 15.74 -6.29
C SER A 110 4.62 16.12 -4.86
N HIS A 111 5.57 16.05 -3.92
CA HIS A 111 6.98 15.77 -4.15
C HIS A 111 7.52 14.95 -2.97
N LEU A 112 6.72 13.99 -2.48
CA LEU A 112 7.07 13.29 -1.25
C LEU A 112 8.37 12.50 -1.41
N ILE A 113 8.50 11.76 -2.51
CA ILE A 113 9.63 10.86 -2.63
C ILE A 113 10.93 11.64 -2.80
N LYS A 114 10.92 12.67 -3.64
CA LYS A 114 12.18 13.35 -3.92
C LYS A 114 12.70 14.08 -2.69
N GLU A 115 11.82 14.46 -1.76
CA GLU A 115 12.28 15.14 -0.55
C GLU A 115 12.54 14.17 0.59
N ALA A 116 12.35 12.86 0.39
CA ALA A 116 12.51 11.89 1.47
C ALA A 116 13.94 11.34 1.46
N GLY A 117 14.75 11.74 2.44
CA GLY A 117 16.14 11.32 2.51
C GLY A 117 16.44 10.23 3.54
N ASP A 118 15.67 10.18 4.62
CA ASP A 118 15.87 9.14 5.59
C ASP A 118 15.32 7.82 5.09
N ALA A 119 15.99 6.73 5.46
CA ALA A 119 15.54 5.41 5.06
C ALA A 119 14.07 5.15 5.43
N GLU A 120 13.65 5.52 6.66
CA GLU A 120 12.29 5.19 7.09
C GLU A 120 11.24 5.91 6.23
N SER A 121 11.49 7.15 5.85
CA SER A 121 10.50 7.82 4.99
C SER A 121 10.63 7.36 3.54
N ARG A 122 11.85 7.23 3.03
CA ARG A 122 12.01 6.88 1.62
C ARG A 122 11.48 5.47 1.34
N VAL A 123 11.79 4.50 2.20
CA VAL A 123 11.25 3.15 2.01
C VAL A 123 9.73 3.16 2.13
N PHE A 124 9.21 3.94 3.07
CA PHE A 124 7.77 4.00 3.25
C PHE A 124 7.08 4.47 1.98
N TYR A 125 7.56 5.58 1.39
CA TYR A 125 6.91 6.11 0.19
C TYR A 125 7.10 5.18 -1.00
N LEU A 126 8.27 4.52 -1.10
CA LEU A 126 8.48 3.68 -2.26
C LEU A 126 7.62 2.42 -2.17
N LYS A 127 7.46 1.88 -0.96
CA LYS A 127 6.49 0.79 -0.77
C LYS A 127 5.09 1.22 -1.20
N MET A 128 4.66 2.40 -0.76
CA MET A 128 3.39 2.99 -1.24
C MET A 128 3.32 3.01 -2.77
N LYS A 129 4.36 3.51 -3.41
CA LYS A 129 4.37 3.57 -4.87
C LYS A 129 4.18 2.18 -5.47
N GLY A 130 4.90 1.18 -4.94
CA GLY A 130 4.72 -0.18 -5.45
C GLY A 130 3.30 -0.67 -5.23
N ASP A 131 2.72 -0.39 -4.06
CA ASP A 131 1.36 -0.83 -3.76
C ASP A 131 0.35 -0.22 -4.74
N TYR A 132 0.44 1.08 -4.99
CA TYR A 132 -0.63 1.69 -5.81
C TYR A 132 -0.45 1.35 -7.29
N TYR A 133 0.78 1.10 -7.75
CA TYR A 133 0.92 0.49 -9.07
C TYR A 133 0.40 -0.96 -9.08
N ARG A 134 0.61 -1.69 -7.98
CA ARG A 134 0.04 -3.04 -7.91
C ARG A 134 -1.48 -3.00 -8.02
N TYR A 135 -2.13 -2.05 -7.36
CA TYR A 135 -3.58 -1.94 -7.50
C TYR A 135 -3.97 -1.61 -8.94
N LEU A 136 -3.25 -0.69 -9.60
CA LEU A 136 -3.49 -0.45 -11.03
C LEU A 136 -3.31 -1.74 -11.83
N ALA A 137 -2.27 -2.52 -11.52
CA ALA A 137 -2.05 -3.75 -12.29
C ALA A 137 -3.19 -4.75 -12.12
N GLU A 138 -3.84 -4.75 -10.95
CA GLU A 138 -4.92 -5.72 -10.69
C GLU A 138 -6.05 -5.58 -11.71
N VAL A 139 -6.30 -4.36 -12.18
CA VAL A 139 -7.39 -4.09 -13.12
C VAL A 139 -6.91 -3.85 -14.54
N ALA A 140 -5.60 -3.92 -14.78
CA ALA A 140 -5.09 -3.56 -16.08
C ALA A 140 -5.20 -4.75 -17.03
N THR A 141 -5.46 -4.44 -18.31
CA THR A 141 -5.49 -5.47 -19.33
C THR A 141 -4.65 -5.08 -20.54
N GLY A 142 -4.91 -3.88 -21.08
CA GLY A 142 -4.41 -3.45 -22.37
C GLY A 142 -2.91 -3.20 -22.53
N ASP A 143 -2.57 -2.23 -23.38
CA ASP A 143 -1.20 -2.04 -23.86
C ASP A 143 -0.23 -1.68 -22.75
N ASP A 144 -0.71 -1.35 -21.55
CA ASP A 144 0.14 -0.84 -20.49
C ASP A 144 0.19 -1.76 -19.28
N LYS A 145 -0.50 -2.91 -19.30
CA LYS A 145 -0.41 -3.81 -18.15
C LYS A 145 1.04 -4.19 -17.86
N LYS A 146 1.83 -4.47 -18.90
CA LYS A 146 3.21 -4.85 -18.63
C LYS A 146 3.98 -3.69 -18.05
N ARG A 147 3.74 -2.47 -18.55
CA ARG A 147 4.51 -1.34 -18.04
C ARG A 147 4.10 -1.01 -16.62
N ILE A 148 2.81 -1.20 -16.28
CA ILE A 148 2.35 -0.93 -14.93
C ILE A 148 3.00 -1.90 -13.94
N ILE A 149 3.04 -3.18 -14.31
CA ILE A 149 3.70 -4.19 -13.49
C ILE A 149 5.17 -3.84 -13.28
N ASP A 150 5.86 -3.40 -14.32
CA ASP A 150 7.27 -3.06 -14.13
C ASP A 150 7.42 -1.83 -13.24
N SER A 151 6.49 -0.89 -13.34
CA SER A 151 6.55 0.27 -12.44
C SER A 151 6.40 -0.17 -10.99
N ALA A 152 5.49 -1.11 -10.73
CA ALA A 152 5.37 -1.65 -9.36
C ALA A 152 6.65 -2.34 -8.94
N ARG A 153 7.18 -3.24 -9.79
N ARG A 153 7.16 -3.23 -9.78
CA ARG A 153 8.38 -3.98 -9.44
CA ARG A 153 8.38 -3.98 -9.44
C ARG A 153 9.54 -3.05 -9.15
C ARG A 153 9.54 -3.05 -9.15
N SER A 154 9.69 -2.00 -9.95
CA SER A 154 10.83 -1.12 -9.78
C SER A 154 10.76 -0.34 -8.48
N ALA A 155 9.57 0.10 -8.08
CA ALA A 155 9.43 0.81 -6.80
C ALA A 155 9.71 -0.12 -5.63
N TYR A 156 9.11 -1.31 -5.66
CA TYR A 156 9.36 -2.28 -4.60
C TYR A 156 10.84 -2.61 -4.52
N GLN A 157 11.48 -2.82 -5.67
CA GLN A 157 12.89 -3.21 -5.69
C GLN A 157 13.77 -2.13 -5.09
N GLU A 158 13.55 -0.87 -5.48
CA GLU A 158 14.34 0.22 -4.89
C GLU A 158 14.12 0.27 -3.38
N ALA A 159 12.88 0.11 -2.93
CA ALA A 159 12.60 0.10 -1.50
C ALA A 159 13.31 -1.07 -0.82
N MET A 160 13.26 -2.27 -1.42
CA MET A 160 13.98 -3.43 -0.87
C MET A 160 15.46 -3.15 -0.72
N ASP A 161 16.07 -2.62 -1.77
CA ASP A 161 17.52 -2.37 -1.71
C ASP A 161 17.88 -1.44 -0.54
N ILE A 162 17.11 -0.36 -0.35
CA ILE A 162 17.38 0.56 0.75
C ILE A 162 17.15 -0.13 2.09
N SER A 163 16.05 -0.89 2.23
CA SER A 163 15.72 -1.46 3.53
C SER A 163 16.74 -2.50 3.96
N LYS A 164 17.25 -3.28 3.01
CA LYS A 164 18.29 -4.26 3.35
C LYS A 164 19.57 -3.56 3.80
N LYS A 165 19.88 -2.40 3.22
CA LYS A 165 21.10 -1.67 3.59
C LYS A 165 20.92 -0.88 4.89
N GLU A 166 19.73 -0.35 5.17
CA GLU A 166 19.57 0.67 6.20
C GLU A 166 18.68 0.28 7.37
N MET A 167 18.00 -0.86 7.32
CA MET A 167 17.09 -1.16 8.43
C MET A 167 17.42 -2.54 8.98
N PRO A 168 17.15 -2.80 10.26
CA PRO A 168 17.29 -4.16 10.78
C PRO A 168 16.23 -5.07 10.20
N PRO A 169 16.49 -6.38 10.16
CA PRO A 169 15.54 -7.32 9.56
C PRO A 169 14.20 -7.37 10.25
N THR A 170 14.09 -6.87 11.48
CA THR A 170 12.80 -6.87 12.18
C THR A 170 12.03 -5.56 12.02
N ASN A 171 12.59 -4.57 11.35
CA ASN A 171 11.89 -3.29 11.23
C ASN A 171 10.52 -3.49 10.57
N PRO A 172 9.43 -3.02 11.19
CA PRO A 172 8.10 -3.33 10.64
C PRO A 172 7.88 -2.84 9.22
N ILE A 173 8.44 -1.68 8.87
CA ILE A 173 8.33 -1.23 7.48
C ILE A 173 9.06 -2.18 6.55
N ARG A 174 10.27 -2.61 6.94
CA ARG A 174 10.99 -3.58 6.10
C ARG A 174 10.20 -4.88 5.96
N LEU A 175 9.60 -5.35 7.06
CA LEU A 175 8.81 -6.58 7.00
C LEU A 175 7.55 -6.41 6.15
N GLY A 176 6.83 -5.30 6.32
CA GLY A 176 5.62 -5.09 5.53
C GLY A 176 5.91 -4.87 4.05
N LEU A 177 7.05 -4.25 3.76
CA LEU A 177 7.49 -4.14 2.37
C LEU A 177 7.72 -5.51 1.76
N ALA A 178 8.45 -6.37 2.48
CA ALA A 178 8.72 -7.70 1.94
C ALA A 178 7.42 -8.50 1.80
N LEU A 179 6.53 -8.40 2.77
CA LEU A 179 5.23 -9.05 2.66
C LEU A 179 4.52 -8.66 1.36
N ASN A 180 4.37 -7.35 1.10
CA ASN A 180 3.61 -6.90 -0.05
C ASN A 180 4.34 -7.18 -1.36
N PHE A 181 5.68 -7.09 -1.37
CA PHE A 181 6.43 -7.49 -2.57
C PHE A 181 6.24 -8.98 -2.84
N SER A 182 6.19 -9.79 -1.79
CA SER A 182 5.92 -11.22 -2.02
C SER A 182 4.52 -11.43 -2.58
N VAL A 183 3.55 -10.64 -2.13
CA VAL A 183 2.20 -10.73 -2.71
C VAL A 183 2.22 -10.27 -4.16
N PHE A 184 2.98 -9.20 -4.45
CA PHE A 184 3.18 -8.80 -5.84
C PHE A 184 3.71 -9.97 -6.67
N HIS A 185 4.75 -10.65 -6.18
CA HIS A 185 5.31 -11.76 -6.96
C HIS A 185 4.27 -12.84 -7.20
N TYR A 186 3.47 -13.15 -6.18
CA TYR A 186 2.56 -14.28 -6.24
C TYR A 186 1.35 -13.95 -7.10
N GLU A 187 0.77 -12.78 -6.88
CA GLU A 187 -0.53 -12.45 -7.44
C GLU A 187 -0.44 -11.72 -8.78
N ILE A 188 0.61 -10.97 -9.01
CA ILE A 188 0.71 -10.08 -10.15
C ILE A 188 1.72 -10.59 -11.17
N ALA A 189 2.92 -10.95 -10.70
CA ALA A 189 4.04 -11.29 -11.58
C ALA A 189 4.09 -12.75 -11.96
N ASN A 190 3.16 -13.54 -11.47
CA ASN A 190 3.11 -14.98 -11.76
C ASN A 190 4.46 -15.63 -11.43
N SER A 191 5.01 -15.28 -10.27
CA SER A 191 6.28 -15.81 -9.79
C SER A 191 6.09 -16.38 -8.39
N PRO A 192 5.30 -17.44 -8.23
CA PRO A 192 5.04 -17.94 -6.86
C PRO A 192 6.29 -18.44 -6.15
N GLU A 193 7.27 -18.98 -6.87
CA GLU A 193 8.48 -19.42 -6.19
C GLU A 193 9.26 -18.25 -5.62
N GLU A 194 9.33 -17.14 -6.36
CA GLU A 194 9.97 -15.94 -5.82
C GLU A 194 9.22 -15.43 -4.60
N ALA A 195 7.89 -15.47 -4.66
CA ALA A 195 7.07 -15.03 -3.53
C ALA A 195 7.37 -15.86 -2.28
N ILE A 196 7.38 -17.18 -2.43
CA ILE A 196 7.64 -18.06 -1.30
C ILE A 196 9.07 -17.87 -0.78
N SER A 197 10.04 -17.78 -1.67
N SER A 197 10.05 -17.77 -1.68
CA SER A 197 11.42 -17.59 -1.22
CA SER A 197 11.43 -17.59 -1.23
C SER A 197 11.59 -16.29 -0.47
C SER A 197 11.62 -16.28 -0.49
N LEU A 198 11.01 -15.20 -0.98
CA LEU A 198 11.15 -13.93 -0.29
C LEU A 198 10.50 -13.99 1.10
N ALA A 199 9.29 -14.56 1.18
CA ALA A 199 8.61 -14.57 2.48
C ALA A 199 9.37 -15.43 3.47
N LYS A 200 9.97 -16.52 3.00
CA LYS A 200 10.65 -17.41 3.93
C LYS A 200 11.97 -16.81 4.40
N THR A 201 12.77 -16.26 3.48
CA THR A 201 14.01 -15.58 3.88
C THR A 201 13.73 -14.38 4.79
N THR A 202 12.66 -13.62 4.49
CA THR A 202 12.30 -12.48 5.34
C THR A 202 11.94 -12.95 6.73
N PHE A 203 11.12 -13.99 6.81
CA PHE A 203 10.70 -14.51 8.11
C PHE A 203 11.89 -15.00 8.93
N ASP A 204 12.75 -15.80 8.28
CA ASP A 204 13.89 -16.42 8.96
C ASP A 204 14.88 -15.36 9.43
N GLU A 205 15.16 -14.35 8.62
CA GLU A 205 16.12 -13.34 9.07
C GLU A 205 15.53 -12.49 10.19
N ALA A 206 14.22 -12.27 10.19
CA ALA A 206 13.62 -11.57 11.31
C ALA A 206 13.67 -12.41 12.57
N MET A 207 13.36 -13.70 12.46
CA MET A 207 13.40 -14.55 13.65
C MET A 207 14.73 -14.45 14.36
N ALA A 208 15.81 -14.45 13.59
CA ALA A 208 17.15 -14.45 14.16
C ALA A 208 17.53 -13.12 14.78
N ASP A 209 16.79 -12.05 14.48
CA ASP A 209 17.05 -10.72 15.04
C ASP A 209 16.13 -10.37 16.22
N LEU A 210 15.15 -11.24 16.55
CA LEU A 210 14.18 -10.91 17.58
C LEU A 210 14.83 -10.72 18.94
N HIS A 211 15.93 -11.43 19.19
CA HIS A 211 16.58 -11.35 20.50
C HIS A 211 17.03 -9.93 20.84
N THR A 212 17.17 -9.04 19.85
CA THR A 212 17.65 -7.69 20.09
C THR A 212 16.56 -6.71 20.55
N LEU A 213 15.30 -7.12 20.54
CA LEU A 213 14.19 -6.19 20.64
C LEU A 213 13.63 -6.10 22.06
N SER A 214 13.04 -4.94 22.37
CA SER A 214 12.23 -4.78 23.55
C SER A 214 10.94 -5.60 23.44
N GLU A 215 10.26 -5.76 24.58
CA GLU A 215 8.95 -6.41 24.59
C GLU A 215 7.99 -5.79 23.58
N ASP A 216 7.95 -4.46 23.49
CA ASP A 216 6.98 -3.83 22.59
C ASP A 216 7.39 -3.98 21.12
N SER A 217 8.67 -3.82 20.81
CA SER A 217 9.16 -4.02 19.44
C SER A 217 8.99 -5.48 19.02
N TYR A 218 9.19 -6.39 19.95
CA TYR A 218 8.94 -7.81 19.69
C TYR A 218 7.51 -8.06 19.26
N LYS A 219 6.54 -7.47 19.97
CA LYS A 219 5.13 -7.60 19.58
C LYS A 219 4.87 -7.02 18.20
N ASP A 220 5.42 -5.84 17.90
CA ASP A 220 5.23 -5.23 16.59
C ASP A 220 5.76 -6.13 15.48
N SER A 221 6.99 -6.61 15.64
CA SER A 221 7.62 -7.44 14.58
C SER A 221 6.97 -8.81 14.47
N THR A 222 6.69 -9.48 15.59
CA THR A 222 6.14 -10.81 15.44
C THR A 222 4.76 -10.75 14.83
N LEU A 223 4.03 -9.64 15.03
CA LEU A 223 2.71 -9.54 14.40
C LEU A 223 2.83 -9.64 12.89
N ILE A 224 3.76 -8.90 12.30
CA ILE A 224 3.92 -8.93 10.85
C ILE A 224 4.58 -10.21 10.41
N MET A 225 5.48 -10.77 11.21
CA MET A 225 5.99 -12.09 10.81
C MET A 225 4.87 -13.12 10.69
N GLN A 226 3.85 -13.03 11.54
CA GLN A 226 2.75 -13.98 11.41
C GLN A 226 2.02 -13.84 10.08
N LEU A 227 1.91 -12.61 9.56
CA LEU A 227 1.31 -12.43 8.24
C LEU A 227 2.14 -13.11 7.15
N LEU A 228 3.47 -13.03 7.24
CA LEU A 228 4.32 -13.78 6.30
C LEU A 228 4.05 -15.27 6.44
N ARG A 229 3.98 -15.76 7.68
CA ARG A 229 3.74 -17.18 7.91
C ARG A 229 2.39 -17.62 7.36
N ASP A 230 1.35 -16.81 7.55
CA ASP A 230 0.02 -17.14 7.02
C ASP A 230 0.07 -17.33 5.51
N ASN A 231 0.78 -16.44 4.81
CA ASN A 231 0.89 -16.56 3.35
C ASN A 231 1.64 -17.83 2.98
N LEU A 232 2.76 -18.11 3.64
CA LEU A 232 3.50 -19.32 3.33
C LEU A 232 2.64 -20.56 3.52
N THR A 233 1.80 -20.56 4.56
CA THR A 233 0.88 -21.67 4.80
C THR A 233 -0.14 -21.80 3.68
N LEU A 234 -0.58 -20.67 3.15
CA LEU A 234 -1.51 -20.73 2.04
C LEU A 234 -0.82 -21.17 0.75
N TRP A 235 0.46 -20.84 0.59
CA TRP A 235 1.15 -21.03 -0.69
C TRP A 235 1.88 -22.37 -0.76
N THR A 236 2.05 -23.06 0.35
CA THR A 236 2.82 -24.29 0.32
C THR A 236 2.00 -25.42 0.97
N ALA B 5 -4.15 -14.75 -0.16
CA ALA B 5 -2.84 -14.13 0.06
C ALA B 5 -3.01 -12.71 0.61
N GLY B 6 -2.62 -12.50 1.86
CA GLY B 6 -2.83 -11.22 2.50
C GLY B 6 -1.67 -10.26 2.36
N ILE B 8 -0.31 -6.33 3.69
CA ILE B 8 -0.43 -5.60 4.95
C ILE B 8 -1.83 -5.00 5.11
N PRO B 9 -2.54 -5.34 6.19
CA PRO B 9 -3.76 -4.60 6.50
C PRO B 9 -3.39 -3.27 7.14
N GLY B 10 -3.13 -2.27 6.32
CA GLY B 10 -2.84 -0.97 6.86
C GLY B 10 -4.10 -0.16 6.93
N ARG B 11 -5.16 -0.74 7.51
CA ARG B 11 -6.45 -0.08 7.57
C ARG B 11 -6.69 0.67 8.88
N ARG B 12 -5.81 0.53 9.88
CA ARG B 12 -6.03 1.15 11.19
C ARG B 12 -4.73 1.72 11.74
N SER B 13 -4.68 3.05 11.93
CA SER B 13 -3.60 3.76 12.63
C SER B 13 -3.93 5.23 12.82
#